data_5WF6
#
_entry.id   5WF6
#
_cell.length_a   47.783
_cell.length_b   78.226
_cell.length_c   86.477
_cell.angle_alpha   90.00
_cell.angle_beta   101.20
_cell.angle_gamma   90.00
#
_symmetry.space_group_name_H-M   'P 1 21 1'
#
loop_
_entity.id
_entity.type
_entity.pdbx_description
1 polymer 'Human A2a adenosine receptor T4L chimera'
2 non-polymer 6-(2,2-diphenylethylamino)-9-[(2R,3R,4S,5S)-5-(ethylcarbamoyl)-3,4-dihydroxy-oxolan-2-yl]-N-[2-[(1-pyridin-2-ylpiperidin-4-yl)carbamoylamino]ethyl]purine-2-carboxamide
3 non-polymer '(2R)-2,3-dihydroxypropyl (9Z)-octadec-9-enoate'
4 water water
#
_entity_poly.entity_id   1
_entity_poly.type   'polypeptide(L)'
_entity_poly.pdbx_seq_one_letter_code
;MKTIIALSYIFCLVFADYKDDDDAMGQPVGAPPIMGSSVYITVELAIAVLAILGNVLVCWAVWLNSNLQNVTNYFVVSLA
AADIAVGVLAIPFAITISTGFCAACHGCLFIACFVLVLTQSAIFSLLAIAIDRYIAIRIPLRYNGLVTGTRAKGIIAICW
VLSFAIGLTPMLGWNNCGQPKEGKNHSQGCGEGQVACLFEDVVPMNYMVYFNFFACVLVPLLLMLGVYLRIFLAARRQLN
IFEMLRIDEGLRLKIYKDTEGYYTIGIGHLLTKSPSLNAAKSELDKAIGRNTNGVITKDEAEKLFNQDVDAAVRGILRNA
KLKPVYDSLDAVRRAALINMVFQMGETGVAGFTNSLRMLQQKRWDEAAVNLAKSRWYNQTPNRAKRVITTFRTGTWDAYR
STLQKEVHAAKSLAIIVGLFALCWLPLHIINCFTFFCPDCSHAPLWLMYLAIVLSHTNSVVNPFIYAYRIREFRQTFRKI
IRSHVLRQQEPFKAHHHHHHHHHH
;
_entity_poly.pdbx_strand_id   A
#
loop_
_chem_comp.id
_chem_comp.type
_chem_comp.name
_chem_comp.formula
OLC non-polymer '(2R)-2,3-dihydroxypropyl (9Z)-octadec-9-enoate' 'C21 H40 O4'
UKA non-polymer 6-(2,2-diphenylethylamino)-9-[(2R,3R,4S,5S)-5-(ethylcarbamoyl)-3,4-dihydroxy-oxolan-2-yl]-N-[2-[(1-pyridin-2-ylpiperidin-4-yl)carbamoylamino]ethyl]purine-2-carboxamide 'C40 H47 N11 O6'
#
# COMPACT_ATOMS: atom_id res chain seq x y z
N ILE A 34 38.90 21.87 5.61
CA ILE A 34 37.92 21.14 4.82
C ILE A 34 38.23 21.26 3.34
N MET A 35 38.81 20.21 2.78
CA MET A 35 38.93 20.10 1.34
C MET A 35 37.56 19.81 0.74
N GLY A 36 37.21 20.54 -0.32
CA GLY A 36 35.88 20.51 -0.88
C GLY A 36 35.25 19.14 -1.01
N SER A 37 35.84 18.25 -1.81
CA SER A 37 35.20 16.99 -2.15
C SER A 37 35.51 15.86 -1.18
N SER A 38 36.66 15.91 -0.49
CA SER A 38 36.96 14.89 0.51
C SER A 38 35.79 14.72 1.47
N VAL A 39 35.13 15.81 1.83
CA VAL A 39 33.89 15.74 2.59
C VAL A 39 32.85 14.93 1.83
N TYR A 40 32.70 15.21 0.54
CA TYR A 40 31.67 14.54 -0.26
C TYR A 40 31.88 13.03 -0.29
N ILE A 41 33.10 12.59 -0.57
CA ILE A 41 33.38 11.16 -0.63
C ILE A 41 33.11 10.51 0.71
N THR A 42 33.56 11.14 1.80
CA THR A 42 33.40 10.56 3.12
C THR A 42 31.93 10.33 3.44
N VAL A 43 31.06 11.26 3.05
CA VAL A 43 29.63 11.08 3.23
C VAL A 43 29.14 9.87 2.44
N GLU A 44 29.54 9.78 1.17
CA GLU A 44 29.12 8.67 0.33
C GLU A 44 29.53 7.33 0.94
N LEU A 45 30.73 7.26 1.50
CA LEU A 45 31.17 6.03 2.16
C LEU A 45 30.36 5.77 3.43
N ALA A 46 30.14 6.81 4.24
CA ALA A 46 29.28 6.66 5.41
C ALA A 46 27.91 6.16 5.02
N ILE A 47 27.37 6.64 3.90
CA ILE A 47 26.10 6.14 3.39
C ILE A 47 26.22 4.67 3.01
N ALA A 48 27.32 4.31 2.35
CA ALA A 48 27.55 2.92 1.97
C ALA A 48 27.40 2.01 3.19
N VAL A 49 28.19 2.26 4.24
CA VAL A 49 28.06 1.51 5.49
C VAL A 49 26.61 1.52 5.94
N LEU A 50 26.09 2.71 6.25
CA LEU A 50 24.72 2.84 6.73
C LEU A 50 23.75 2.11 5.81
N ALA A 51 23.86 2.34 4.50
CA ALA A 51 22.98 1.66 3.55
C ALA A 51 23.08 0.16 3.70
N ILE A 52 24.30 -0.39 3.64
CA ILE A 52 24.51 -1.81 3.89
C ILE A 52 23.93 -2.19 5.24
N LEU A 53 24.51 -1.65 6.33
CA LEU A 53 24.11 -2.04 7.67
C LEU A 53 22.59 -1.98 7.84
N GLY A 54 22.01 -0.79 7.68
CA GLY A 54 20.58 -0.65 7.84
C GLY A 54 19.77 -1.68 7.07
N ASN A 55 20.26 -2.06 5.88
CA ASN A 55 19.55 -3.01 5.05
C ASN A 55 19.91 -4.46 5.35
N VAL A 56 21.14 -4.74 5.80
CA VAL A 56 21.46 -6.09 6.25
C VAL A 56 20.48 -6.53 7.32
N LEU A 57 20.03 -5.59 8.17
CA LEU A 57 19.13 -5.93 9.25
C LEU A 57 17.79 -6.42 8.73
N VAL A 58 17.22 -5.69 7.76
CA VAL A 58 15.85 -5.96 7.34
C VAL A 58 15.70 -7.39 6.83
N CYS A 59 16.47 -7.74 5.79
CA CYS A 59 16.38 -9.09 5.24
C CYS A 59 16.69 -10.14 6.30
N TRP A 60 17.51 -9.80 7.29
CA TRP A 60 17.85 -10.75 8.34
C TRP A 60 16.66 -11.02 9.25
N ALA A 61 15.93 -9.96 9.62
CA ALA A 61 14.76 -10.12 10.49
C ALA A 61 13.73 -11.03 9.85
N VAL A 62 13.31 -10.70 8.62
CA VAL A 62 12.32 -11.51 7.92
C VAL A 62 12.77 -12.95 7.77
N TRP A 63 14.08 -13.21 7.81
CA TRP A 63 14.57 -14.56 7.64
C TRP A 63 14.16 -15.45 8.81
N LEU A 64 14.22 -14.93 10.04
CA LEU A 64 14.04 -15.73 11.23
C LEU A 64 12.68 -15.55 11.90
N ASN A 65 11.82 -14.65 11.39
CA ASN A 65 10.47 -14.47 11.92
C ASN A 65 9.47 -14.76 10.82
N SER A 66 8.59 -15.73 11.06
CA SER A 66 7.59 -16.12 10.06
C SER A 66 6.42 -15.14 10.01
N ASN A 67 6.16 -14.40 11.08
CA ASN A 67 5.13 -13.37 11.03
C ASN A 67 5.45 -12.31 9.98
N LEU A 68 6.74 -12.15 9.65
CA LEU A 68 7.16 -11.20 8.63
C LEU A 68 7.31 -11.84 7.26
N GLN A 69 6.80 -13.05 7.06
CA GLN A 69 6.92 -13.76 5.80
C GLN A 69 5.65 -13.70 4.98
N ASN A 70 4.95 -12.57 5.02
CA ASN A 70 3.84 -12.33 4.12
C ASN A 70 4.36 -11.96 2.73
N VAL A 71 3.46 -11.96 1.75
CA VAL A 71 3.85 -11.59 0.39
C VAL A 71 4.41 -10.17 0.38
N THR A 72 3.88 -9.30 1.23
CA THR A 72 4.32 -7.90 1.23
C THR A 72 5.80 -7.78 1.57
N ASN A 73 6.24 -8.46 2.63
CA ASN A 73 7.64 -8.39 2.99
C ASN A 73 8.53 -9.01 1.92
N TYR A 74 7.99 -9.88 1.07
CA TYR A 74 8.74 -10.31 -0.10
C TYR A 74 9.16 -9.09 -0.93
N PHE A 75 8.25 -8.14 -1.13
CA PHE A 75 8.61 -6.90 -1.80
C PHE A 75 9.65 -6.13 -1.00
N VAL A 76 9.55 -6.17 0.32
CA VAL A 76 10.49 -5.44 1.18
C VAL A 76 11.91 -5.99 0.97
N VAL A 77 12.07 -7.31 1.08
CA VAL A 77 13.39 -7.90 0.97
C VAL A 77 14.03 -7.55 -0.37
N SER A 78 13.21 -7.43 -1.42
CA SER A 78 13.75 -7.05 -2.72
C SER A 78 14.30 -5.62 -2.70
N LEU A 79 13.51 -4.68 -2.18
CA LEU A 79 13.99 -3.30 -2.04
C LEU A 79 15.24 -3.25 -1.17
N ALA A 80 15.22 -3.94 -0.03
CA ALA A 80 16.39 -3.95 0.84
C ALA A 80 17.63 -4.43 0.10
N ALA A 81 17.48 -5.49 -0.71
CA ALA A 81 18.62 -6.00 -1.47
C ALA A 81 19.10 -4.97 -2.47
N ALA A 82 18.18 -4.35 -3.20
CA ALA A 82 18.55 -3.28 -4.12
C ALA A 82 19.35 -2.21 -3.39
N ASP A 83 18.86 -1.75 -2.24
CA ASP A 83 19.57 -0.74 -1.48
C ASP A 83 20.89 -1.24 -0.90
N ILE A 84 21.06 -2.55 -0.76
CA ILE A 84 22.37 -3.09 -0.43
C ILE A 84 23.30 -2.97 -1.64
N ALA A 85 22.77 -3.28 -2.83
CA ALA A 85 23.59 -3.23 -4.03
C ALA A 85 24.10 -1.83 -4.32
N VAL A 86 23.34 -0.79 -3.94
CA VAL A 86 23.82 0.56 -4.19
C VAL A 86 24.97 0.89 -3.23
N GLY A 87 24.94 0.34 -2.02
CA GLY A 87 25.99 0.62 -1.07
C GLY A 87 27.32 0.04 -1.47
N VAL A 88 27.31 -1.03 -2.26
CA VAL A 88 28.54 -1.72 -2.64
C VAL A 88 29.03 -1.28 -4.01
N LEU A 89 28.14 -1.09 -4.97
CA LEU A 89 28.53 -0.77 -6.35
C LEU A 89 28.12 0.62 -6.77
N ALA A 90 26.85 0.99 -6.61
CA ALA A 90 26.40 2.29 -7.11
C ALA A 90 27.14 3.44 -6.42
N ILE A 91 27.42 3.31 -5.12
CA ILE A 91 28.08 4.38 -4.38
C ILE A 91 29.52 4.52 -4.91
N PRO A 92 30.38 3.50 -4.81
CA PRO A 92 31.72 3.64 -5.39
C PRO A 92 31.70 4.06 -6.86
N PHE A 93 30.68 3.68 -7.62
CA PHE A 93 30.60 4.12 -9.00
C PHE A 93 30.24 5.60 -9.08
N ALA A 94 29.17 6.02 -8.41
CA ALA A 94 28.82 7.44 -8.36
C ALA A 94 30.00 8.29 -7.91
N ILE A 95 30.84 7.74 -7.04
CA ILE A 95 32.04 8.46 -6.60
C ILE A 95 33.05 8.53 -7.74
N THR A 96 33.43 7.38 -8.27
CA THR A 96 34.45 7.32 -9.32
C THR A 96 34.03 8.06 -10.59
N ILE A 97 32.78 8.50 -10.70
CA ILE A 97 32.30 9.25 -11.84
C ILE A 97 32.54 10.74 -11.59
N SER A 98 33.25 11.06 -10.51
CA SER A 98 33.47 12.44 -10.09
C SER A 98 34.93 12.86 -10.15
N THR A 99 35.79 12.10 -10.81
CA THR A 99 37.22 12.39 -10.87
C THR A 99 37.67 12.98 -12.19
N GLY A 100 37.07 12.55 -13.31
CA GLY A 100 37.44 13.07 -14.61
C GLY A 100 38.57 12.34 -15.31
N PHE A 101 39.03 11.21 -14.79
CA PHE A 101 40.07 10.45 -15.44
C PHE A 101 39.66 10.11 -16.87
N CYS A 102 40.65 9.82 -17.70
CA CYS A 102 40.42 9.48 -19.09
C CYS A 102 40.16 7.98 -19.22
N ALA A 103 39.18 7.63 -20.06
CA ALA A 103 38.84 6.23 -20.30
C ALA A 103 37.86 6.16 -21.46
N ALA A 104 37.69 4.95 -22.00
CA ALA A 104 36.76 4.74 -23.11
C ALA A 104 35.38 5.25 -22.73
N CYS A 105 34.75 5.96 -23.66
CA CYS A 105 33.41 6.50 -23.40
C CYS A 105 32.44 5.38 -23.02
N HIS A 106 32.55 4.22 -23.65
CA HIS A 106 31.67 3.11 -23.30
C HIS A 106 32.06 2.51 -21.95
N GLY A 107 33.34 2.57 -21.58
CA GLY A 107 33.76 2.06 -20.28
C GLY A 107 33.37 2.98 -19.13
N CYS A 108 33.31 4.29 -19.39
CA CYS A 108 32.81 5.22 -18.39
C CYS A 108 31.28 5.32 -18.44
N LEU A 109 30.68 5.15 -19.63
CA LEU A 109 29.23 5.07 -19.72
C LEU A 109 28.69 3.86 -18.99
N PHE A 110 29.35 2.71 -19.16
CA PHE A 110 28.97 1.49 -18.45
C PHE A 110 28.78 1.76 -16.97
N ILE A 111 29.76 2.43 -16.34
CA ILE A 111 29.70 2.69 -14.90
C ILE A 111 28.49 3.56 -14.59
N ALA A 112 28.30 4.64 -15.35
CA ALA A 112 27.15 5.50 -15.14
C ALA A 112 25.84 4.77 -15.39
N CYS A 113 25.87 3.73 -16.23
CA CYS A 113 24.65 2.99 -16.53
C CYS A 113 24.27 2.07 -15.38
N PHE A 114 25.26 1.43 -14.73
CA PHE A 114 24.97 0.60 -13.57
C PHE A 114 24.32 1.43 -12.46
N VAL A 115 24.96 2.53 -12.06
CA VAL A 115 24.38 3.38 -11.03
C VAL A 115 22.99 3.81 -11.43
N LEU A 116 22.74 4.00 -12.72
CA LEU A 116 21.38 4.24 -13.20
C LEU A 116 20.52 3.00 -12.96
N VAL A 117 20.99 1.83 -13.41
CA VAL A 117 20.21 0.61 -13.29
C VAL A 117 19.93 0.30 -11.82
N LEU A 118 20.98 0.28 -11.00
CA LEU A 118 20.81 -0.07 -9.59
C LEU A 118 19.82 0.85 -8.91
N THR A 119 19.67 2.09 -9.41
CA THR A 119 18.71 3.02 -8.82
C THR A 119 17.31 2.82 -9.40
N GLN A 120 17.19 2.59 -10.71
CA GLN A 120 15.88 2.30 -11.28
C GLN A 120 15.18 1.24 -10.46
N SER A 121 15.88 0.15 -10.13
CA SER A 121 15.28 -0.93 -9.36
C SER A 121 14.70 -0.41 -8.05
N ALA A 122 15.48 0.38 -7.32
CA ALA A 122 15.01 0.91 -6.05
C ALA A 122 13.72 1.70 -6.23
N ILE A 123 13.62 2.48 -7.30
CA ILE A 123 12.40 3.24 -7.55
C ILE A 123 11.23 2.30 -7.76
N PHE A 124 11.38 1.35 -8.68
CA PHE A 124 10.28 0.44 -9.00
C PHE A 124 9.96 -0.48 -7.83
N SER A 125 10.98 -0.91 -7.08
CA SER A 125 10.74 -1.71 -5.89
C SER A 125 9.84 -0.99 -4.90
N LEU A 126 9.96 0.34 -4.81
CA LEU A 126 9.06 1.10 -3.95
C LEU A 126 7.63 1.02 -4.45
N LEU A 127 7.43 1.06 -5.77
CA LEU A 127 6.09 0.89 -6.32
C LEU A 127 5.48 -0.42 -5.87
N ALA A 128 6.26 -1.50 -5.93
CA ALA A 128 5.74 -2.82 -5.54
C ALA A 128 5.18 -2.79 -4.13
N ILE A 129 5.86 -2.09 -3.21
CA ILE A 129 5.37 -2.01 -1.83
C ILE A 129 4.11 -1.15 -1.78
N ALA A 130 4.16 0.04 -2.37
CA ALA A 130 3.02 0.95 -2.30
C ALA A 130 1.76 0.31 -2.86
N ILE A 131 1.84 -0.22 -4.09
CA ILE A 131 0.65 -0.79 -4.72
C ILE A 131 0.16 -1.99 -3.92
N ASP A 132 1.09 -2.80 -3.40
CA ASP A 132 0.70 -3.89 -2.51
C ASP A 132 -0.11 -3.36 -1.34
N ARG A 133 0.38 -2.30 -0.69
CA ARG A 133 -0.34 -1.71 0.42
C ARG A 133 -1.64 -1.08 -0.03
N TYR A 134 -1.74 -0.67 -1.29
CA TYR A 134 -2.99 -0.11 -1.79
C TYR A 134 -4.09 -1.16 -1.83
N ILE A 135 -3.80 -2.31 -2.46
CA ILE A 135 -4.81 -3.34 -2.61
C ILE A 135 -5.18 -3.94 -1.26
N ALA A 136 -4.18 -4.17 -0.40
CA ALA A 136 -4.45 -4.75 0.91
C ALA A 136 -5.46 -3.92 1.70
N ILE A 137 -5.48 -2.61 1.50
CA ILE A 137 -6.39 -1.73 2.24
C ILE A 137 -7.73 -1.60 1.54
N ARG A 138 -7.72 -1.22 0.26
CA ARG A 138 -8.97 -0.97 -0.44
C ARG A 138 -9.66 -2.26 -0.91
N ILE A 139 -8.87 -3.27 -1.29
CA ILE A 139 -9.42 -4.54 -1.77
C ILE A 139 -8.81 -5.65 -0.93
N PRO A 140 -9.27 -5.89 0.29
CA PRO A 140 -8.62 -6.86 1.16
C PRO A 140 -8.98 -8.30 0.84
N LEU A 141 -10.16 -8.51 0.25
CA LEU A 141 -10.62 -9.86 -0.07
C LEU A 141 -9.76 -10.46 -1.19
N ARG A 142 -9.70 -9.78 -2.33
CA ARG A 142 -8.95 -10.27 -3.48
C ARG A 142 -7.44 -10.22 -3.28
N TYR A 143 -6.97 -9.64 -2.17
CA TYR A 143 -5.54 -9.52 -1.93
C TYR A 143 -4.83 -10.84 -2.19
N ASN A 144 -5.17 -11.88 -1.43
CA ASN A 144 -4.51 -13.16 -1.59
C ASN A 144 -4.69 -13.73 -2.99
N GLY A 145 -5.81 -13.41 -3.64
CA GLY A 145 -6.03 -13.90 -4.99
C GLY A 145 -5.11 -13.23 -6.00
N LEU A 146 -5.07 -11.91 -6.01
CA LEU A 146 -4.24 -11.17 -6.94
C LEU A 146 -2.78 -11.05 -6.48
N VAL A 147 -2.51 -11.31 -5.20
CA VAL A 147 -1.18 -11.08 -4.63
C VAL A 147 -0.68 -12.35 -3.98
N THR A 148 -0.25 -13.31 -4.79
CA THR A 148 0.31 -14.57 -4.29
C THR A 148 1.83 -14.49 -4.25
N GLY A 149 2.42 -15.19 -3.28
CA GLY A 149 3.87 -15.26 -3.19
C GLY A 149 4.50 -15.66 -4.51
N THR A 150 3.78 -16.42 -5.33
CA THR A 150 4.28 -16.80 -6.65
C THR A 150 4.30 -15.59 -7.58
N ARG A 151 3.16 -14.92 -7.73
CA ARG A 151 3.08 -13.77 -8.63
C ARG A 151 4.05 -12.68 -8.22
N ALA A 152 4.06 -12.33 -6.93
CA ALA A 152 4.95 -11.29 -6.42
C ALA A 152 6.37 -11.46 -6.96
N LYS A 153 6.96 -12.63 -6.76
CA LYS A 153 8.31 -12.88 -7.27
C LYS A 153 8.38 -12.66 -8.77
N GLY A 154 7.27 -12.84 -9.48
CA GLY A 154 7.24 -12.53 -10.90
C GLY A 154 7.23 -11.04 -11.18
N ILE A 155 6.58 -10.27 -10.30
CA ILE A 155 6.54 -8.82 -10.49
C ILE A 155 7.89 -8.19 -10.22
N ILE A 156 8.67 -8.76 -9.29
CA ILE A 156 10.02 -8.25 -9.05
C ILE A 156 10.89 -8.49 -10.27
N ALA A 157 10.78 -9.67 -10.88
CA ALA A 157 11.51 -9.93 -12.12
C ALA A 157 11.27 -8.81 -13.13
N ILE A 158 10.02 -8.37 -13.26
CA ILE A 158 9.72 -7.22 -14.11
C ILE A 158 10.52 -6.01 -13.65
N CYS A 159 10.31 -5.60 -12.39
CA CYS A 159 10.94 -4.38 -11.89
C CYS A 159 12.44 -4.36 -12.17
N TRP A 160 13.08 -5.52 -12.11
CA TRP A 160 14.52 -5.57 -12.32
C TRP A 160 14.89 -5.53 -13.80
N VAL A 161 14.12 -6.23 -14.64
CA VAL A 161 14.40 -6.21 -16.07
C VAL A 161 14.15 -4.81 -16.63
N LEU A 162 13.02 -4.20 -16.27
CA LEU A 162 12.75 -2.84 -16.74
C LEU A 162 13.80 -1.85 -16.27
N SER A 163 14.39 -2.10 -15.08
CA SER A 163 15.49 -1.25 -14.62
C SER A 163 16.67 -1.33 -15.57
N PHE A 164 17.03 -2.54 -16.00
CA PHE A 164 18.09 -2.69 -16.99
C PHE A 164 17.72 -1.98 -18.29
N ALA A 165 16.47 -2.13 -18.73
CA ALA A 165 16.09 -1.58 -20.02
C ALA A 165 16.35 -0.08 -20.10
N ILE A 166 16.07 0.64 -19.02
CA ILE A 166 16.20 2.10 -19.05
C ILE A 166 17.63 2.52 -18.79
N GLY A 167 18.23 2.01 -17.72
CA GLY A 167 19.59 2.39 -17.40
C GLY A 167 20.56 2.11 -18.53
N LEU A 168 20.39 0.96 -19.20
CA LEU A 168 21.27 0.58 -20.29
C LEU A 168 20.82 1.13 -21.64
N THR A 169 19.84 2.02 -21.66
CA THR A 169 19.45 2.65 -22.92
C THR A 169 20.63 3.34 -23.60
N PRO A 170 21.39 4.21 -22.92
CA PRO A 170 22.55 4.83 -23.59
C PRO A 170 23.50 3.82 -24.22
N MET A 171 23.73 2.67 -23.58
CA MET A 171 24.58 1.66 -24.18
C MET A 171 24.02 1.17 -25.50
N LEU A 172 22.70 1.23 -25.68
CA LEU A 172 22.10 0.84 -26.95
C LEU A 172 22.37 1.86 -28.05
N GLY A 173 22.73 3.09 -27.70
CA GLY A 173 23.09 4.08 -28.69
C GLY A 173 22.73 5.51 -28.34
N TRP A 174 22.12 5.71 -27.17
CA TRP A 174 21.69 7.05 -26.76
C TRP A 174 22.72 7.65 -25.81
N ASN A 175 23.86 8.03 -26.39
CA ASN A 175 24.98 8.57 -25.62
C ASN A 175 25.53 9.78 -26.37
N ASN A 176 26.69 10.26 -25.92
CA ASN A 176 27.29 11.50 -26.42
C ASN A 176 28.68 11.26 -27.00
N CYS A 177 28.90 10.11 -27.63
CA CYS A 177 30.21 9.80 -28.22
C CYS A 177 30.09 8.83 -29.38
N GLY A 189 43.35 17.33 -23.98
CA GLY A 189 42.68 16.83 -22.78
C GLY A 189 42.97 15.37 -22.52
N CYS A 190 42.31 14.51 -23.28
CA CYS A 190 42.60 13.07 -23.31
C CYS A 190 42.79 12.67 -24.78
N GLY A 191 43.07 11.39 -25.01
CA GLY A 191 43.37 10.89 -26.33
C GLY A 191 42.14 10.39 -27.07
N GLU A 192 42.40 9.81 -28.24
CA GLU A 192 41.34 9.16 -29.02
C GLU A 192 40.56 8.18 -28.15
N GLY A 193 39.26 8.12 -28.38
CA GLY A 193 38.41 7.14 -27.72
C GLY A 193 38.53 7.19 -26.22
N GLN A 194 38.88 8.36 -25.68
CA GLN A 194 38.99 8.57 -24.24
C GLN A 194 38.41 9.92 -23.90
N VAL A 195 37.44 9.95 -22.99
CA VAL A 195 36.82 11.19 -22.54
C VAL A 195 37.08 11.34 -21.04
N ALA A 196 36.99 12.59 -20.59
CA ALA A 196 36.99 12.86 -19.16
C ALA A 196 35.79 12.18 -18.51
N CYS A 197 36.05 11.25 -17.60
CA CYS A 197 34.97 10.43 -17.06
C CYS A 197 34.15 11.29 -16.11
N LEU A 198 33.07 11.85 -16.63
CA LEU A 198 32.16 12.71 -15.88
C LEU A 198 30.74 12.36 -16.29
N PHE A 199 29.83 12.39 -15.33
CA PHE A 199 28.47 11.91 -15.60
C PHE A 199 27.87 12.65 -16.80
N GLU A 200 27.78 13.97 -16.72
CA GLU A 200 27.09 14.71 -17.77
C GLU A 200 27.77 14.55 -19.12
N ASP A 201 29.08 14.27 -19.12
CA ASP A 201 29.81 14.14 -20.38
C ASP A 201 29.29 12.98 -21.21
N VAL A 202 28.93 11.87 -20.57
CA VAL A 202 28.55 10.65 -21.28
C VAL A 202 27.05 10.41 -21.31
N VAL A 203 26.28 11.04 -20.43
CA VAL A 203 24.82 10.87 -20.38
C VAL A 203 24.20 12.20 -20.84
N PRO A 204 23.55 12.24 -22.00
CA PRO A 204 22.90 13.49 -22.43
C PRO A 204 21.71 13.81 -21.54
N MET A 205 21.32 15.09 -21.57
CA MET A 205 20.17 15.53 -20.79
C MET A 205 18.84 15.13 -21.43
N ASN A 206 18.77 15.11 -22.76
CA ASN A 206 17.52 14.72 -23.41
C ASN A 206 17.10 13.32 -23.00
N TYR A 207 18.03 12.50 -22.50
CA TYR A 207 17.68 11.21 -21.91
C TYR A 207 17.24 11.40 -20.45
N MET A 208 18.04 12.13 -19.68
CA MET A 208 17.75 12.28 -18.25
C MET A 208 16.43 13.00 -18.02
N VAL A 209 16.10 13.96 -18.87
CA VAL A 209 14.94 14.83 -18.63
C VAL A 209 13.68 14.20 -19.21
N TYR A 210 13.67 13.94 -20.51
CA TYR A 210 12.46 13.44 -21.15
C TYR A 210 12.15 12.02 -20.71
N PHE A 211 13.08 11.09 -20.92
CA PHE A 211 12.80 9.68 -20.68
C PHE A 211 12.95 9.31 -19.21
N ASN A 212 14.17 9.42 -18.68
CA ASN A 212 14.43 8.94 -17.32
C ASN A 212 13.58 9.66 -16.29
N PHE A 213 13.63 10.99 -16.29
CA PHE A 213 12.95 11.76 -15.25
C PHE A 213 11.44 11.57 -15.31
N PHE A 214 10.84 11.90 -16.46
CA PHE A 214 9.38 11.90 -16.55
C PHE A 214 8.80 10.49 -16.48
N ALA A 215 9.39 9.54 -17.19
CA ALA A 215 8.79 8.22 -17.34
C ALA A 215 9.16 7.25 -16.23
N CYS A 216 10.26 7.48 -15.51
CA CYS A 216 10.79 6.50 -14.58
C CYS A 216 10.80 6.95 -13.13
N VAL A 217 10.98 8.24 -12.86
CA VAL A 217 11.00 8.76 -11.50
C VAL A 217 9.74 9.56 -11.18
N LEU A 218 9.26 10.36 -12.13
CA LEU A 218 8.11 11.21 -11.86
C LEU A 218 6.83 10.40 -11.68
N VAL A 219 6.50 9.56 -12.64
CA VAL A 219 5.21 8.87 -12.59
C VAL A 219 5.16 7.95 -11.37
N PRO A 220 6.30 7.45 -10.82
CA PRO A 220 6.24 6.89 -9.47
C PRO A 220 5.65 7.84 -8.45
N LEU A 221 6.29 9.00 -8.28
CA LEU A 221 5.81 9.98 -7.32
C LEU A 221 4.31 10.22 -7.47
N LEU A 222 3.88 10.57 -8.69
CA LEU A 222 2.46 10.81 -8.91
C LEU A 222 1.63 9.59 -8.55
N LEU A 223 2.11 8.40 -8.92
CA LEU A 223 1.44 7.16 -8.53
C LEU A 223 1.50 6.98 -7.01
N MET A 224 2.72 6.88 -6.45
CA MET A 224 2.86 6.71 -5.01
C MET A 224 2.07 7.76 -4.24
N LEU A 225 1.90 8.95 -4.80
CA LEU A 225 1.10 9.96 -4.13
C LEU A 225 -0.38 9.59 -4.17
N GLY A 226 -0.87 9.21 -5.34
CA GLY A 226 -2.25 8.78 -5.45
C GLY A 226 -2.59 7.68 -4.46
N VAL A 227 -1.66 6.76 -4.23
CA VAL A 227 -1.85 5.72 -3.23
C VAL A 227 -2.08 6.34 -1.86
N TYR A 228 -1.18 7.23 -1.45
CA TYR A 228 -1.29 7.84 -0.13
C TYR A 228 -2.67 8.44 0.08
N LEU A 229 -3.11 9.31 -0.83
CA LEU A 229 -4.38 10.00 -0.63
C LEU A 229 -5.55 9.02 -0.58
N ARG A 230 -5.66 8.14 -1.57
CA ARG A 230 -6.81 7.25 -1.62
C ARG A 230 -6.87 6.33 -0.42
N ILE A 231 -5.71 5.85 0.05
CA ILE A 231 -5.66 5.13 1.31
C ILE A 231 -6.11 6.05 2.45
N PHE A 232 -5.50 7.24 2.52
CA PHE A 232 -5.86 8.22 3.53
C PHE A 232 -7.36 8.47 3.56
N LEU A 233 -7.95 8.69 2.38
CA LEU A 233 -9.38 8.99 2.31
C LEU A 233 -10.22 7.80 2.76
N ALA A 234 -9.70 6.58 2.62
CA ALA A 234 -10.47 5.42 3.06
C ALA A 234 -10.50 5.32 4.58
N ALA A 235 -9.39 5.69 5.23
CA ALA A 235 -9.32 5.61 6.69
C ALA A 235 -10.14 6.69 7.38
N ARG A 236 -10.60 7.70 6.65
CA ARG A 236 -11.29 8.84 7.24
C ARG A 236 -12.71 9.00 6.71
N ARG A 237 -13.27 7.95 6.12
CA ARG A 237 -14.61 8.03 5.56
C ARG A 237 -15.66 8.17 6.66
N GLN A 238 -16.74 8.88 6.35
CA GLN A 238 -17.86 8.97 7.28
C GLN A 238 -18.48 7.59 7.45
N LEU A 239 -18.70 7.18 8.70
CA LEU A 239 -19.21 5.84 8.98
C LEU A 239 -20.74 5.82 8.94
N ASN A 240 -21.28 4.66 8.64
CA ASN A 240 -22.72 4.46 8.51
C ASN A 240 -23.00 2.97 8.53
N ILE A 241 -24.24 2.59 8.27
CA ILE A 241 -24.60 1.17 8.27
C ILE A 241 -23.91 0.46 7.12
N PHE A 242 -23.84 1.09 5.95
CA PHE A 242 -23.24 0.44 4.78
C PHE A 242 -21.78 0.07 5.07
N GLU A 243 -20.97 1.06 5.47
CA GLU A 243 -19.59 0.77 5.80
C GLU A 243 -19.49 -0.22 6.94
N MET A 244 -20.41 -0.15 7.90
CA MET A 244 -20.40 -1.04 9.05
C MET A 244 -20.38 -2.50 8.60
N LEU A 245 -21.34 -2.88 7.75
CA LEU A 245 -21.43 -4.26 7.30
C LEU A 245 -20.43 -4.59 6.19
N ARG A 246 -19.80 -3.58 5.59
CA ARG A 246 -18.68 -3.84 4.70
C ARG A 246 -17.48 -4.37 5.47
N ILE A 247 -17.38 -4.03 6.76
CA ILE A 247 -16.26 -4.50 7.58
C ILE A 247 -16.53 -5.91 8.09
N ASP A 248 -17.77 -6.19 8.47
CA ASP A 248 -18.11 -7.49 9.04
C ASP A 248 -18.27 -8.56 7.96
N GLU A 249 -18.97 -8.23 6.87
CA GLU A 249 -19.28 -9.21 5.83
C GLU A 249 -18.43 -9.04 4.57
N GLY A 250 -17.88 -7.86 4.33
CA GLY A 250 -17.00 -7.67 3.18
C GLY A 250 -17.75 -7.31 1.91
N LEU A 251 -17.21 -6.35 1.16
CA LEU A 251 -17.84 -5.88 -0.06
C LEU A 251 -17.26 -6.61 -1.27
N ARG A 252 -18.15 -7.02 -2.17
CA ARG A 252 -17.77 -7.71 -3.40
C ARG A 252 -18.35 -6.94 -4.58
N LEU A 253 -17.49 -6.66 -5.58
CA LEU A 253 -17.87 -5.91 -6.75
C LEU A 253 -18.08 -6.78 -7.99
N LYS A 254 -17.71 -8.06 -7.92
CA LYS A 254 -18.00 -9.03 -8.96
C LYS A 254 -18.74 -10.21 -8.36
N ILE A 255 -19.56 -10.88 -9.19
CA ILE A 255 -20.34 -12.01 -8.70
C ILE A 255 -19.40 -13.07 -8.13
N TYR A 256 -19.84 -13.72 -7.06
CA TYR A 256 -19.04 -14.74 -6.38
C TYR A 256 -19.97 -15.77 -5.79
N LYS A 257 -19.42 -16.98 -5.57
CA LYS A 257 -20.16 -18.06 -4.92
C LYS A 257 -19.97 -17.95 -3.42
N ASP A 258 -21.07 -17.89 -2.68
CA ASP A 258 -21.02 -17.82 -1.23
C ASP A 258 -20.51 -19.15 -0.70
N THR A 259 -20.65 -19.36 0.61
CA THR A 259 -20.19 -20.59 1.24
C THR A 259 -20.97 -21.82 0.81
N GLU A 260 -22.14 -21.65 0.19
CA GLU A 260 -22.99 -22.77 -0.22
C GLU A 260 -23.18 -22.81 -1.73
N GLY A 261 -22.32 -22.16 -2.49
CA GLY A 261 -22.37 -22.24 -3.94
C GLY A 261 -23.57 -21.58 -4.59
N TYR A 262 -23.97 -20.42 -4.09
CA TYR A 262 -25.06 -19.64 -4.67
C TYR A 262 -24.51 -18.28 -5.07
N TYR A 263 -24.80 -17.87 -6.31
CA TYR A 263 -24.23 -16.64 -6.84
C TYR A 263 -24.67 -15.43 -6.03
N THR A 264 -23.70 -14.62 -5.61
CA THR A 264 -23.93 -13.49 -4.73
C THR A 264 -23.07 -12.32 -5.19
N ILE A 265 -23.51 -11.10 -4.86
CA ILE A 265 -22.77 -9.89 -5.18
C ILE A 265 -22.98 -8.88 -4.05
N GLY A 266 -22.11 -7.87 -4.03
CA GLY A 266 -22.23 -6.82 -3.03
C GLY A 266 -21.82 -7.34 -1.66
N ILE A 267 -22.57 -6.91 -0.64
CA ILE A 267 -22.43 -7.45 0.70
C ILE A 267 -23.52 -8.50 0.93
N GLY A 268 -23.26 -9.72 0.48
CA GLY A 268 -24.18 -10.82 0.71
C GLY A 268 -25.54 -10.68 0.04
N HIS A 269 -25.59 -10.04 -1.13
CA HIS A 269 -26.84 -9.90 -1.88
C HIS A 269 -26.93 -11.07 -2.86
N LEU A 270 -27.62 -12.12 -2.44
CA LEU A 270 -27.79 -13.29 -3.28
C LEU A 270 -28.60 -12.95 -4.52
N LEU A 271 -28.20 -13.54 -5.65
CA LEU A 271 -28.86 -13.30 -6.93
C LEU A 271 -29.79 -14.42 -7.33
N THR A 272 -29.36 -15.67 -7.21
CA THR A 272 -30.18 -16.82 -7.59
C THR A 272 -29.49 -18.09 -7.14
N LYS A 273 -30.30 -19.07 -6.73
CA LYS A 273 -29.79 -20.39 -6.42
C LYS A 273 -29.59 -21.24 -7.67
N SER A 274 -30.01 -20.76 -8.83
CA SER A 274 -29.78 -21.49 -10.07
C SER A 274 -28.27 -21.73 -10.25
N PRO A 275 -27.88 -22.88 -10.82
CA PRO A 275 -26.45 -23.14 -11.02
C PRO A 275 -25.88 -22.48 -12.26
N SER A 276 -26.59 -21.51 -12.81
CA SER A 276 -26.20 -20.84 -14.05
C SER A 276 -25.67 -19.45 -13.72
N LEU A 277 -24.37 -19.26 -13.95
CA LEU A 277 -23.79 -17.92 -13.82
C LEU A 277 -24.46 -16.92 -14.76
N ASN A 278 -24.76 -17.37 -15.99
CA ASN A 278 -25.49 -16.51 -16.91
C ASN A 278 -26.85 -16.13 -16.36
N ALA A 279 -27.54 -17.06 -15.69
CA ALA A 279 -28.81 -16.75 -15.05
C ALA A 279 -28.62 -15.70 -13.96
N ALA A 280 -27.61 -15.89 -13.11
CA ALA A 280 -27.33 -14.92 -12.05
C ALA A 280 -27.07 -13.54 -12.65
N LYS A 281 -26.18 -13.45 -13.64
CA LYS A 281 -25.90 -12.17 -14.28
C LYS A 281 -27.18 -11.51 -14.79
N SER A 282 -28.09 -12.31 -15.37
CA SER A 282 -29.34 -11.74 -15.86
C SER A 282 -30.12 -11.08 -14.73
N GLU A 283 -30.20 -11.74 -13.58
CA GLU A 283 -30.93 -11.16 -12.44
C GLU A 283 -30.28 -9.86 -11.97
N LEU A 284 -28.95 -9.82 -12.00
CA LEU A 284 -28.24 -8.60 -11.61
C LEU A 284 -28.70 -7.42 -12.46
N ASP A 285 -28.71 -7.58 -13.79
CA ASP A 285 -29.16 -6.51 -14.67
C ASP A 285 -30.58 -6.08 -14.32
N LYS A 286 -31.42 -7.02 -13.90
CA LYS A 286 -32.78 -6.67 -13.53
C LYS A 286 -32.80 -5.70 -12.37
N ALA A 287 -31.95 -5.92 -11.37
CA ALA A 287 -31.92 -5.04 -10.20
C ALA A 287 -31.15 -3.75 -10.48
N ILE A 288 -30.04 -3.84 -11.22
CA ILE A 288 -29.24 -2.65 -11.52
C ILE A 288 -29.93 -1.80 -12.58
N GLY A 289 -30.52 -2.44 -13.58
CA GLY A 289 -31.20 -1.72 -14.64
C GLY A 289 -30.33 -1.36 -15.82
N ARG A 290 -29.16 -1.99 -15.97
CA ARG A 290 -28.28 -1.73 -17.10
C ARG A 290 -27.60 -3.05 -17.47
N ASN A 291 -26.62 -2.95 -18.39
CA ASN A 291 -25.80 -4.09 -18.79
C ASN A 291 -24.56 -4.10 -17.91
N THR A 292 -24.43 -5.11 -17.06
CA THR A 292 -23.39 -5.13 -16.03
C THR A 292 -22.19 -5.99 -16.36
N ASN A 293 -22.33 -6.97 -17.25
CA ASN A 293 -21.27 -7.94 -17.54
C ASN A 293 -20.85 -8.72 -16.30
N GLY A 294 -21.66 -8.70 -15.25
CA GLY A 294 -21.32 -9.33 -14.00
C GLY A 294 -20.50 -8.49 -13.05
N VAL A 295 -20.46 -7.17 -13.26
CA VAL A 295 -19.67 -6.27 -12.44
C VAL A 295 -20.52 -5.03 -12.14
N ILE A 296 -20.37 -4.49 -10.94
CA ILE A 296 -21.07 -3.28 -10.53
C ILE A 296 -20.10 -2.34 -9.84
N THR A 297 -20.48 -1.08 -9.75
CA THR A 297 -19.69 -0.08 -9.06
C THR A 297 -19.97 -0.12 -7.56
N LYS A 298 -19.19 0.66 -6.80
CA LYS A 298 -19.40 0.74 -5.36
C LYS A 298 -20.74 1.38 -5.03
N ASP A 299 -21.15 2.38 -5.82
CA ASP A 299 -22.43 3.05 -5.58
C ASP A 299 -23.59 2.12 -5.89
N GLU A 300 -23.47 1.30 -6.95
CA GLU A 300 -24.53 0.35 -7.26
C GLU A 300 -24.70 -0.67 -6.15
N ALA A 301 -23.59 -1.13 -5.57
CA ALA A 301 -23.67 -2.04 -4.43
C ALA A 301 -24.39 -1.41 -3.25
N GLU A 302 -24.23 -0.09 -3.07
CA GLU A 302 -24.91 0.59 -1.97
C GLU A 302 -26.40 0.72 -2.23
N LYS A 303 -26.82 0.79 -3.50
CA LYS A 303 -28.25 0.81 -3.81
C LYS A 303 -28.87 -0.56 -3.62
N LEU A 304 -28.14 -1.62 -3.94
CA LEU A 304 -28.59 -2.97 -3.60
C LEU A 304 -28.62 -3.15 -2.09
N PHE A 305 -27.59 -2.67 -1.40
CA PHE A 305 -27.55 -2.79 0.06
C PHE A 305 -28.69 -2.03 0.70
N ASN A 306 -28.95 -0.79 0.25
CA ASN A 306 -30.04 -0.01 0.81
C ASN A 306 -31.38 -0.71 0.62
N GLN A 307 -31.61 -1.26 -0.56
CA GLN A 307 -32.84 -2.01 -0.78
C GLN A 307 -32.94 -3.20 0.17
N ASP A 308 -31.80 -3.82 0.48
CA ASP A 308 -31.81 -4.96 1.39
C ASP A 308 -32.12 -4.52 2.81
N VAL A 309 -31.61 -3.36 3.23
CA VAL A 309 -31.90 -2.82 4.55
C VAL A 309 -33.39 -2.53 4.68
N ASP A 310 -33.95 -1.82 3.70
CA ASP A 310 -35.38 -1.52 3.70
C ASP A 310 -36.20 -2.80 3.87
N ALA A 311 -35.70 -3.92 3.34
CA ALA A 311 -36.42 -5.18 3.46
C ALA A 311 -36.30 -5.75 4.87
N ALA A 312 -35.09 -5.73 5.44
CA ALA A 312 -34.90 -6.27 6.77
C ALA A 312 -35.73 -5.50 7.80
N VAL A 313 -35.83 -4.18 7.63
CA VAL A 313 -36.59 -3.37 8.57
C VAL A 313 -38.07 -3.73 8.50
N ARG A 314 -38.62 -3.82 7.29
CA ARG A 314 -40.03 -4.17 7.15
C ARG A 314 -40.33 -5.52 7.78
N GLY A 315 -39.37 -6.44 7.76
CA GLY A 315 -39.57 -7.71 8.45
C GLY A 315 -39.52 -7.55 9.96
N ILE A 316 -38.55 -6.78 10.45
CA ILE A 316 -38.46 -6.51 11.88
C ILE A 316 -39.77 -5.93 12.39
N LEU A 317 -40.37 -5.01 11.64
CA LEU A 317 -41.60 -4.36 12.09
C LEU A 317 -42.77 -5.33 12.10
N ARG A 318 -42.74 -6.36 11.24
CA ARG A 318 -43.79 -7.38 11.27
C ARG A 318 -43.63 -8.32 12.46
N ASN A 319 -42.46 -8.37 13.07
CA ASN A 319 -42.21 -9.27 14.18
C ASN A 319 -42.72 -8.64 15.48
N ALA A 320 -43.70 -9.29 16.10
CA ALA A 320 -44.25 -8.77 17.36
C ALA A 320 -43.20 -8.68 18.45
N LYS A 321 -42.13 -9.46 18.35
CA LYS A 321 -41.09 -9.49 19.38
C LYS A 321 -39.95 -8.52 19.11
N LEU A 322 -39.74 -8.11 17.85
CA LEU A 322 -38.65 -7.22 17.51
C LEU A 322 -39.08 -5.77 17.31
N LYS A 323 -40.34 -5.53 16.92
CA LYS A 323 -40.77 -4.15 16.68
C LYS A 323 -40.66 -3.28 17.93
N PRO A 324 -41.11 -3.72 19.12
CA PRO A 324 -40.98 -2.84 20.29
C PRO A 324 -39.55 -2.45 20.59
N VAL A 325 -38.60 -3.37 20.40
CA VAL A 325 -37.20 -3.04 20.64
C VAL A 325 -36.65 -2.14 19.55
N TYR A 326 -37.10 -2.32 18.31
CA TYR A 326 -36.57 -1.54 17.21
C TYR A 326 -36.97 -0.07 17.33
N ASP A 327 -38.21 0.20 17.77
CA ASP A 327 -38.68 1.57 17.86
C ASP A 327 -37.95 2.36 18.94
N SER A 328 -37.52 1.69 20.01
CA SER A 328 -36.95 2.36 21.17
C SER A 328 -35.44 2.53 21.09
N LEU A 329 -34.85 2.37 19.91
CA LEU A 329 -33.40 2.52 19.73
C LEU A 329 -33.13 3.68 18.80
N ASP A 330 -32.03 4.40 19.08
CA ASP A 330 -31.59 5.46 18.19
C ASP A 330 -31.01 4.88 16.91
N ALA A 331 -30.72 5.76 15.95
CA ALA A 331 -30.36 5.32 14.60
C ALA A 331 -29.19 4.34 14.63
N VAL A 332 -28.14 4.65 15.40
CA VAL A 332 -26.92 3.85 15.33
C VAL A 332 -27.13 2.49 15.95
N ARG A 333 -27.89 2.42 17.05
CA ARG A 333 -28.17 1.13 17.68
C ARG A 333 -29.10 0.29 16.81
N ARG A 334 -29.96 0.93 16.02
CA ARG A 334 -30.77 0.19 15.06
C ARG A 334 -29.90 -0.49 14.01
N ALA A 335 -28.81 0.15 13.61
CA ALA A 335 -27.88 -0.48 12.68
C ALA A 335 -27.26 -1.72 13.28
N ALA A 336 -27.00 -1.72 14.59
CA ALA A 336 -26.44 -2.89 15.24
C ALA A 336 -27.44 -4.05 15.24
N LEU A 337 -28.73 -3.73 15.46
CA LEU A 337 -29.74 -4.78 15.43
C LEU A 337 -29.91 -5.34 14.03
N ILE A 338 -29.89 -4.47 13.02
CA ILE A 338 -29.98 -4.91 11.63
C ILE A 338 -28.80 -5.81 11.28
N ASN A 339 -27.62 -5.50 11.82
CA ASN A 339 -26.45 -6.33 11.59
C ASN A 339 -26.68 -7.75 12.09
N MET A 340 -27.38 -7.90 13.22
CA MET A 340 -27.68 -9.23 13.73
C MET A 340 -28.69 -9.95 12.85
N VAL A 341 -29.63 -9.21 12.24
CA VAL A 341 -30.61 -9.82 11.36
C VAL A 341 -29.93 -10.32 10.08
N PHE A 342 -29.10 -9.47 9.46
CA PHE A 342 -28.39 -9.85 8.25
C PHE A 342 -27.48 -11.06 8.45
N GLN A 343 -27.19 -11.44 9.69
CA GLN A 343 -26.31 -12.57 10.00
C GLN A 343 -27.08 -13.82 10.40
N MET A 344 -28.06 -13.67 11.30
CA MET A 344 -28.79 -14.82 11.85
C MET A 344 -30.20 -14.95 11.29
N GLY A 345 -30.91 -13.86 11.12
CA GLY A 345 -32.30 -13.89 10.73
C GLY A 345 -33.21 -13.39 11.85
N GLU A 346 -34.39 -12.94 11.45
CA GLU A 346 -35.33 -12.34 12.39
C GLU A 346 -35.65 -13.32 13.53
N THR A 347 -36.00 -14.56 13.18
CA THR A 347 -36.29 -15.55 14.22
C THR A 347 -35.07 -15.80 15.09
N GLY A 348 -33.87 -15.74 14.51
CA GLY A 348 -32.66 -15.92 15.30
C GLY A 348 -32.42 -14.77 16.25
N VAL A 349 -32.69 -13.53 15.80
CA VAL A 349 -32.56 -12.38 16.69
C VAL A 349 -33.62 -12.42 17.77
N ALA A 350 -34.86 -12.76 17.38
CA ALA A 350 -35.96 -12.84 18.35
C ALA A 350 -35.67 -13.82 19.48
N GLY A 351 -34.78 -14.79 19.25
CA GLY A 351 -34.44 -15.73 20.30
C GLY A 351 -33.81 -15.09 21.52
N PHE A 352 -33.24 -13.90 21.37
CA PHE A 352 -32.61 -13.18 22.48
C PHE A 352 -33.66 -12.41 23.28
N THR A 353 -34.59 -13.17 23.87
CA THR A 353 -35.67 -12.56 24.64
C THR A 353 -35.12 -11.62 25.72
N ASN A 354 -34.21 -12.12 26.54
CA ASN A 354 -33.70 -11.33 27.65
C ASN A 354 -32.87 -10.15 27.16
N SER A 355 -31.86 -10.43 26.33
CA SER A 355 -31.02 -9.36 25.82
C SER A 355 -31.83 -8.31 25.06
N LEU A 356 -32.94 -8.72 24.44
CA LEU A 356 -33.82 -7.75 23.79
C LEU A 356 -34.56 -6.90 24.81
N ARG A 357 -34.89 -7.48 25.97
CA ARG A 357 -35.59 -6.73 27.00
C ARG A 357 -34.72 -5.61 27.55
N MET A 358 -33.49 -5.93 27.95
CA MET A 358 -32.59 -4.92 28.52
C MET A 358 -32.35 -3.77 27.55
N LEU A 359 -32.34 -4.06 26.25
CA LEU A 359 -32.09 -3.01 25.25
C LEU A 359 -33.19 -1.96 25.27
N GLN A 360 -34.45 -2.39 25.32
CA GLN A 360 -35.55 -1.43 25.36
C GLN A 360 -35.55 -0.65 26.67
N GLN A 361 -35.10 -1.25 27.75
CA GLN A 361 -34.92 -0.53 29.01
C GLN A 361 -33.64 0.30 29.04
N LYS A 362 -32.88 0.32 27.93
CA LYS A 362 -31.67 1.13 27.82
C LYS A 362 -30.63 0.78 28.87
N ARG A 363 -30.67 -0.46 29.36
CA ARG A 363 -29.64 -0.98 30.26
C ARG A 363 -28.46 -1.48 29.43
N TRP A 364 -27.83 -0.52 28.74
CA TRP A 364 -26.83 -0.85 27.72
C TRP A 364 -25.79 -1.82 28.26
N ASP A 365 -25.16 -1.49 29.39
CA ASP A 365 -24.11 -2.34 29.93
C ASP A 365 -24.63 -3.73 30.27
N GLU A 366 -25.87 -3.80 30.77
CA GLU A 366 -26.42 -5.10 31.18
C GLU A 366 -26.73 -5.97 29.97
N ALA A 367 -27.27 -5.37 28.89
CA ALA A 367 -27.52 -6.14 27.69
C ALA A 367 -26.23 -6.67 27.08
N ALA A 368 -25.15 -5.87 27.14
CA ALA A 368 -23.88 -6.28 26.56
C ALA A 368 -23.37 -7.57 27.19
N VAL A 369 -23.30 -7.61 28.52
CA VAL A 369 -22.80 -8.79 29.20
C VAL A 369 -23.64 -10.01 28.85
N ASN A 370 -24.96 -9.83 28.72
CA ASN A 370 -25.82 -10.96 28.41
C ASN A 370 -25.58 -11.46 26.99
N LEU A 371 -25.32 -10.55 26.06
CA LEU A 371 -25.01 -10.95 24.70
C LEU A 371 -23.67 -11.68 24.61
N ALA A 372 -22.74 -11.36 25.51
CA ALA A 372 -21.43 -12.01 25.50
C ALA A 372 -21.51 -13.49 25.84
N LYS A 373 -22.56 -13.93 26.52
CA LYS A 373 -22.73 -15.32 26.92
C LYS A 373 -23.41 -16.17 25.85
N SER A 374 -23.83 -15.56 24.74
CA SER A 374 -24.55 -16.29 23.71
C SER A 374 -23.60 -17.15 22.88
N ARG A 375 -24.17 -18.18 22.25
CA ARG A 375 -23.42 -18.96 21.27
C ARG A 375 -22.98 -18.09 20.10
N TRP A 376 -23.81 -17.09 19.74
CA TRP A 376 -23.45 -16.17 18.67
C TRP A 376 -22.12 -15.47 18.95
N TYR A 377 -21.93 -15.03 20.20
CA TYR A 377 -20.65 -14.44 20.56
C TYR A 377 -19.53 -15.48 20.55
N ASN A 378 -19.84 -16.73 20.87
CA ASN A 378 -18.82 -17.76 20.92
C ASN A 378 -18.42 -18.26 19.54
N GLN A 379 -19.33 -18.18 18.57
CA GLN A 379 -19.03 -18.67 17.22
C GLN A 379 -18.39 -17.61 16.33
N THR A 380 -18.68 -16.33 16.58
CA THR A 380 -18.08 -15.22 15.84
C THR A 380 -17.79 -14.09 16.81
N PRO A 381 -16.73 -14.20 17.61
CA PRO A 381 -16.48 -13.17 18.63
C PRO A 381 -16.13 -11.81 18.05
N ASN A 382 -15.32 -11.76 16.98
CA ASN A 382 -14.87 -10.48 16.45
C ASN A 382 -16.05 -9.61 16.02
N ARG A 383 -16.93 -10.16 15.19
CA ARG A 383 -18.10 -9.40 14.73
C ARG A 383 -19.03 -9.07 15.89
N ALA A 384 -19.35 -10.07 16.72
CA ALA A 384 -20.23 -9.84 17.85
C ALA A 384 -19.66 -8.77 18.78
N LYS A 385 -18.34 -8.74 18.93
CA LYS A 385 -17.73 -7.75 19.81
C LYS A 385 -17.96 -6.34 19.28
N ARG A 386 -17.71 -6.13 17.98
CA ARG A 386 -17.96 -4.82 17.40
C ARG A 386 -19.43 -4.44 17.49
N VAL A 387 -20.32 -5.43 17.30
CA VAL A 387 -21.76 -5.15 17.36
C VAL A 387 -22.16 -4.79 18.78
N ILE A 388 -21.68 -5.53 19.77
CA ILE A 388 -22.06 -5.26 21.16
C ILE A 388 -21.62 -3.85 21.56
N THR A 389 -20.37 -3.49 21.24
CA THR A 389 -19.89 -2.15 21.55
C THR A 389 -20.81 -1.08 20.99
N THR A 390 -21.31 -1.30 19.76
CA THR A 390 -22.24 -0.35 19.17
C THR A 390 -23.50 -0.23 20.01
N PHE A 391 -23.95 -1.34 20.60
CA PHE A 391 -25.07 -1.30 21.54
C PHE A 391 -24.70 -0.50 22.80
N ARG A 392 -23.51 -0.76 23.34
CA ARG A 392 -23.08 -0.08 24.56
C ARG A 392 -23.01 1.43 24.34
N THR A 393 -22.32 1.85 23.29
CA THR A 393 -21.97 3.26 23.11
C THR A 393 -22.96 4.03 22.23
N GLY A 394 -23.67 3.34 21.34
CA GLY A 394 -24.47 4.04 20.36
C GLY A 394 -23.68 4.83 19.35
N THR A 395 -22.38 4.51 19.19
CA THR A 395 -21.51 5.20 18.27
C THR A 395 -20.86 4.17 17.35
N TRP A 396 -20.01 4.66 16.44
CA TRP A 396 -19.27 3.83 15.51
C TRP A 396 -17.85 3.54 15.98
N ASP A 397 -17.58 3.71 17.27
CA ASP A 397 -16.21 3.57 17.77
C ASP A 397 -15.61 2.23 17.41
N ALA A 398 -16.32 1.14 17.73
CA ALA A 398 -15.76 -0.19 17.50
C ALA A 398 -15.32 -0.36 16.05
N TYR A 399 -16.08 0.20 15.12
CA TYR A 399 -15.71 0.11 13.70
C TYR A 399 -14.71 1.18 13.33
N ARG A 400 -14.83 2.38 13.92
CA ARG A 400 -13.80 3.40 13.73
C ARG A 400 -12.43 2.87 14.12
N SER A 401 -12.36 2.11 15.21
CA SER A 401 -11.10 1.50 15.63
C SER A 401 -10.55 0.56 14.55
N THR A 402 -11.43 -0.08 13.77
CA THR A 402 -10.98 -0.98 12.72
C THR A 402 -10.13 -0.25 11.69
N LEU A 403 -10.34 1.05 11.53
CA LEU A 403 -9.61 1.84 10.55
C LEU A 403 -8.29 2.38 11.10
N GLN A 404 -7.96 2.10 12.36
CA GLN A 404 -6.65 2.49 12.87
C GLN A 404 -5.54 1.83 12.06
N LYS A 405 -5.74 0.58 11.63
CA LYS A 405 -4.77 -0.06 10.76
C LYS A 405 -4.64 0.69 9.44
N GLU A 406 -5.73 1.27 8.95
CA GLU A 406 -5.68 1.98 7.68
C GLU A 406 -4.87 3.26 7.80
N VAL A 407 -5.09 4.04 8.86
CA VAL A 407 -4.38 5.30 9.01
C VAL A 407 -2.91 5.07 9.32
N HIS A 408 -2.58 3.96 9.99
CA HIS A 408 -1.17 3.62 10.20
C HIS A 408 -0.46 3.48 8.86
N ALA A 409 -1.07 2.74 7.92
CA ALA A 409 -0.49 2.59 6.59
C ALA A 409 -0.43 3.94 5.86
N ALA A 410 -1.45 4.77 6.05
CA ALA A 410 -1.46 6.09 5.41
C ALA A 410 -0.31 6.95 5.91
N LYS A 411 -0.14 7.03 7.22
CA LYS A 411 0.97 7.81 7.78
C LYS A 411 2.32 7.21 7.39
N SER A 412 2.35 5.90 7.12
CA SER A 412 3.59 5.26 6.69
C SER A 412 3.91 5.52 5.23
N LEU A 413 2.92 5.86 4.41
CA LEU A 413 3.18 6.28 3.04
C LEU A 413 3.53 7.76 2.94
N ALA A 414 2.94 8.60 3.80
CA ALA A 414 3.35 10.00 3.86
C ALA A 414 4.86 10.10 3.99
N ILE A 415 5.46 9.24 4.79
CA ILE A 415 6.90 9.28 5.02
C ILE A 415 7.64 8.81 3.77
N ILE A 416 7.24 7.67 3.22
CA ILE A 416 7.94 7.11 2.06
C ILE A 416 7.87 8.07 0.88
N VAL A 417 6.69 8.67 0.65
CA VAL A 417 6.56 9.63 -0.44
C VAL A 417 7.30 10.92 -0.12
N GLY A 418 7.20 11.39 1.12
CA GLY A 418 7.88 12.62 1.49
C GLY A 418 9.38 12.52 1.35
N LEU A 419 9.98 11.51 1.98
CA LEU A 419 11.42 11.29 1.82
C LEU A 419 11.78 11.05 0.38
N PHE A 420 11.08 10.12 -0.28
CA PHE A 420 11.37 9.80 -1.67
C PHE A 420 11.40 11.06 -2.54
N ALA A 421 10.41 11.93 -2.37
CA ALA A 421 10.39 13.17 -3.14
C ALA A 421 11.46 14.14 -2.65
N LEU A 422 11.63 14.25 -1.34
CA LEU A 422 12.69 15.11 -0.80
C LEU A 422 14.06 14.69 -1.32
N CYS A 423 14.28 13.38 -1.44
CA CYS A 423 15.60 12.88 -1.81
C CYS A 423 15.83 12.91 -3.32
N TRP A 424 14.76 12.85 -4.11
CA TRP A 424 14.90 12.72 -5.57
C TRP A 424 14.62 14.01 -6.32
N LEU A 425 13.62 14.79 -5.90
CA LEU A 425 13.29 16.02 -6.61
C LEU A 425 14.49 16.95 -6.77
N PRO A 426 15.25 17.29 -5.72
CA PRO A 426 16.34 18.27 -5.88
C PRO A 426 17.26 17.99 -7.06
N LEU A 427 17.88 16.81 -7.08
CA LEU A 427 18.86 16.51 -8.12
C LEU A 427 18.25 16.64 -9.51
N HIS A 428 17.03 16.14 -9.68
CA HIS A 428 16.42 16.14 -11.01
C HIS A 428 15.97 17.53 -11.43
N ILE A 429 15.50 18.33 -10.48
CA ILE A 429 15.20 19.73 -10.79
C ILE A 429 16.43 20.41 -11.36
N ILE A 430 17.60 20.14 -10.77
CA ILE A 430 18.84 20.72 -11.27
C ILE A 430 19.09 20.32 -12.71
N ASN A 431 18.94 19.03 -13.01
CA ASN A 431 19.11 18.56 -14.38
C ASN A 431 18.22 19.34 -15.34
N CYS A 432 16.99 19.65 -14.93
CA CYS A 432 16.05 20.30 -15.83
C CYS A 432 16.54 21.70 -16.23
N PHE A 433 16.95 22.50 -15.25
CA PHE A 433 17.43 23.86 -15.56
C PHE A 433 18.60 23.81 -16.53
N THR A 434 19.61 22.99 -16.23
CA THR A 434 20.74 22.82 -17.13
C THR A 434 20.28 22.49 -18.55
N PHE A 435 19.18 21.75 -18.67
CA PHE A 435 18.73 21.31 -20.00
C PHE A 435 17.92 22.38 -20.71
N PHE A 436 17.14 23.18 -19.96
CA PHE A 436 16.27 24.18 -20.56
C PHE A 436 16.84 25.59 -20.52
N CYS A 437 17.78 25.87 -19.61
CA CYS A 437 18.37 27.20 -19.48
C CYS A 437 19.87 27.07 -19.29
N PRO A 438 20.61 26.78 -20.37
CA PRO A 438 22.07 26.70 -20.25
C PRO A 438 22.71 28.03 -19.83
N ASP A 439 22.19 29.15 -20.34
CA ASP A 439 22.75 30.46 -20.04
C ASP A 439 22.32 30.98 -18.68
N CYS A 440 21.45 30.29 -17.96
CA CYS A 440 21.02 30.74 -16.65
C CYS A 440 22.21 30.81 -15.69
N SER A 441 21.98 31.43 -14.54
CA SER A 441 22.94 31.42 -13.45
C SER A 441 22.76 30.11 -12.70
N HIS A 442 23.63 29.15 -13.00
CA HIS A 442 23.59 27.85 -12.33
C HIS A 442 23.52 28.02 -10.82
N ALA A 443 22.92 27.03 -10.16
CA ALA A 443 22.83 27.03 -8.71
C ALA A 443 24.21 26.78 -8.11
N PRO A 444 24.38 27.02 -6.81
CA PRO A 444 25.69 26.81 -6.19
C PRO A 444 26.18 25.38 -6.36
N LEU A 445 27.49 25.23 -6.39
CA LEU A 445 28.12 23.92 -6.58
C LEU A 445 27.87 23.00 -5.41
N TRP A 446 28.45 23.33 -4.25
CA TRP A 446 28.31 22.54 -3.02
C TRP A 446 26.89 22.01 -2.85
N LEU A 447 25.89 22.80 -3.24
CA LEU A 447 24.51 22.36 -3.15
C LEU A 447 24.21 21.26 -4.17
N MET A 448 24.77 21.39 -5.38
CA MET A 448 24.54 20.38 -6.40
C MET A 448 24.91 18.99 -5.91
N TYR A 449 26.12 18.84 -5.36
CA TYR A 449 26.55 17.53 -4.89
C TYR A 449 25.71 17.04 -3.72
N LEU A 450 25.17 17.96 -2.91
CA LEU A 450 24.24 17.55 -1.86
C LEU A 450 23.04 16.82 -2.47
N ALA A 451 22.48 17.38 -3.54
CA ALA A 451 21.36 16.72 -4.21
C ALA A 451 21.72 15.30 -4.62
N ILE A 452 22.95 15.11 -5.13
CA ILE A 452 23.43 13.75 -5.38
C ILE A 452 23.42 12.94 -4.09
N VAL A 453 23.89 13.54 -2.99
CA VAL A 453 23.90 12.85 -1.71
C VAL A 453 22.49 12.46 -1.28
N LEU A 454 21.51 13.33 -1.57
CA LEU A 454 20.13 13.03 -1.20
C LEU A 454 19.61 11.81 -1.95
N SER A 455 19.91 11.71 -3.24
CA SER A 455 19.42 10.59 -4.03
C SER A 455 19.86 9.26 -3.45
N HIS A 456 21.12 9.18 -2.97
CA HIS A 456 21.63 7.93 -2.42
C HIS A 456 21.16 7.71 -0.99
N THR A 457 20.90 8.78 -0.24
CA THR A 457 20.36 8.63 1.11
C THR A 457 19.05 7.86 1.10
N ASN A 458 18.32 7.90 -0.01
CA ASN A 458 17.04 7.19 -0.09
C ASN A 458 17.22 5.70 0.20
N SER A 459 18.31 5.11 -0.26
CA SER A 459 18.45 3.66 -0.19
C SER A 459 18.54 3.17 1.25
N VAL A 460 19.17 3.96 2.13
CA VAL A 460 19.33 3.52 3.52
C VAL A 460 18.11 3.88 4.34
N VAL A 461 17.52 5.04 4.08
CA VAL A 461 16.41 5.53 4.90
C VAL A 461 15.12 4.86 4.51
N ASN A 462 14.81 4.84 3.21
CA ASN A 462 13.47 4.43 2.78
C ASN A 462 13.11 3.02 3.17
N PRO A 463 13.92 1.98 2.87
CA PRO A 463 13.49 0.63 3.24
C PRO A 463 13.44 0.43 4.74
N PHE A 464 14.46 0.93 5.46
CA PHE A 464 14.52 0.75 6.90
C PHE A 464 13.39 1.47 7.61
N ILE A 465 13.03 2.67 7.13
CA ILE A 465 12.02 3.46 7.82
C ILE A 465 10.67 2.75 7.79
N TYR A 466 10.33 2.13 6.66
CA TYR A 466 9.06 1.40 6.58
C TYR A 466 9.06 0.21 7.54
N ALA A 467 10.16 -0.54 7.58
CA ALA A 467 10.24 -1.69 8.47
C ALA A 467 10.21 -1.27 9.93
N TYR A 468 11.10 -0.35 10.32
CA TYR A 468 11.17 0.06 11.73
C TYR A 468 9.85 0.63 12.21
N ARG A 469 9.08 1.28 11.33
CA ARG A 469 7.82 1.88 11.75
C ARG A 469 6.75 0.82 12.02
N ILE A 470 6.86 -0.34 11.39
CA ILE A 470 5.96 -1.46 11.64
C ILE A 470 6.62 -2.34 12.71
N ARG A 471 6.05 -2.34 13.91
CA ARG A 471 6.83 -2.73 15.09
C ARG A 471 7.32 -4.16 15.04
N GLU A 472 6.57 -5.06 14.42
CA GLU A 472 6.96 -6.47 14.39
C GLU A 472 8.44 -6.59 14.04
N PHE A 473 8.94 -5.68 13.20
CA PHE A 473 10.37 -5.60 12.93
C PHE A 473 11.14 -5.17 14.17
N ARG A 474 10.71 -4.06 14.79
CA ARG A 474 11.42 -3.53 15.95
C ARG A 474 11.76 -4.63 16.95
N GLN A 475 10.76 -5.40 17.38
CA GLN A 475 11.01 -6.51 18.29
C GLN A 475 11.98 -7.51 17.68
N THR A 476 11.89 -7.72 16.36
CA THR A 476 12.78 -8.66 15.70
C THR A 476 14.20 -8.11 15.64
N PHE A 477 14.36 -6.82 15.36
CA PHE A 477 15.69 -6.22 15.31
C PHE A 477 16.38 -6.31 16.66
N ARG A 478 15.75 -5.80 17.72
CA ARG A 478 16.33 -5.86 19.06
C ARG A 478 16.76 -7.28 19.39
N LYS A 479 15.92 -8.26 19.06
CA LYS A 479 16.26 -9.66 19.29
C LYS A 479 17.60 -10.01 18.64
N ILE A 480 17.81 -9.56 17.40
CA ILE A 480 19.04 -9.87 16.69
C ILE A 480 20.23 -9.14 17.33
N ILE A 481 20.03 -7.87 17.68
CA ILE A 481 21.13 -7.06 18.18
C ILE A 481 21.72 -7.66 19.44
N ARG A 482 20.85 -7.97 20.42
CA ARG A 482 21.34 -8.50 21.68
C ARG A 482 21.92 -9.90 21.53
N SER A 483 21.27 -10.73 20.72
CA SER A 483 21.69 -12.13 20.61
C SER A 483 23.07 -12.26 19.98
N HIS A 484 23.27 -11.59 18.83
CA HIS A 484 24.51 -11.71 18.08
C HIS A 484 25.44 -10.51 18.28
N VAL A 485 25.02 -9.50 19.02
CA VAL A 485 25.85 -8.34 19.29
C VAL A 485 25.59 -7.85 20.72
C1 UKA B . 23.23 9.88 -9.17
N1 UKA B . 23.18 11.20 -11.29
O1 UKA B . 22.52 8.97 -11.22
C2 UKA B . 21.73 9.62 -9.08
N2 UKA B . 19.49 7.78 -11.24
O2 UKA B . 21.36 9.02 -7.84
C3 UKA B . 21.51 8.64 -10.25
N3 UKA B . 22.05 12.87 -12.28
O3 UKA B . 23.99 8.84 -8.57
C4 UKA B . 23.44 9.90 -10.68
N4 UKA B . 25.45 14.34 -12.29
O4 UKA B . 19.64 10.00 -10.87
C5 UKA B . 20.13 8.87 -10.81
N5 UKA B . 25.41 12.18 -11.29
O5 UKA B . 28.02 12.39 -10.72
C6 UKA B . 18.18 7.79 -11.87
N6 UKA B . 23.58 15.39 -13.17
O6 UKA B . 30.84 17.64 -11.32
C7 UKA B . 17.12 8.32 -10.96
N7 UKA B . 28.15 14.47 -11.57
C8 UKA B . 21.98 11.67 -11.75
N8 UKA B . 30.14 16.20 -12.92
C9 UKA B . 23.39 13.21 -12.16
N9 UKA B . 30.20 18.43 -13.35
C10 UKA B . 24.10 12.19 -11.55
N10 UKA B . 29.77 22.64 -13.10
C11 UKA B . 24.13 14.35 -12.54
N11 UKA B . 28.91 23.92 -14.82
C12 UKA B . 26.03 13.30 -11.67
C13 UKA B . 24.30 16.33 -14.00
C14 UKA B . 25.51 17.10 -13.44
C15 UKA B . 25.54 17.27 -11.93
C16 UKA B . 25.67 18.44 -14.13
C17 UKA B . 26.75 17.27 -11.26
C18 UKA B . 26.80 17.41 -9.89
C19 UKA B . 25.64 17.55 -9.16
C20 UKA B . 24.43 17.56 -9.81
C21 UKA B . 24.38 17.42 -11.19
C22 UKA B . 26.88 18.79 -14.72
C23 UKA B . 27.05 20.04 -15.30
C24 UKA B . 26.01 20.95 -15.31
C25 UKA B . 24.80 20.61 -14.74
C26 UKA B . 24.63 19.37 -14.16
C27 UKA B . 27.50 13.35 -11.28
C28 UKA B . 29.47 14.76 -11.04
C29 UKA B . 30.47 15.01 -12.16
C30 UKA B . 30.42 17.44 -12.45
C31 UKA B . 30.47 19.84 -13.03
C32 UKA B . 29.38 20.40 -12.14
C33 UKA B . 29.65 21.88 -11.86
C34 UKA B . 30.84 22.11 -13.97
C35 UKA B . 30.59 20.65 -14.30
C36 UKA B . 27.60 23.67 -12.82
C37 UKA B . 26.63 24.48 -13.37
C38 UKA B . 26.78 25.01 -14.62
C39 UKA B . 27.94 24.71 -15.31
C40 UKA B . 28.74 23.42 -13.60
C24 OLC C . 34.34 20.62 -4.08
C2 OLC C . 29.28 18.37 -1.22
C21 OLC C . 32.49 19.96 -2.55
C1 OLC C . 30.56 19.15 -1.30
C22 OLC C . 32.96 19.98 -4.00
O19 OLC C . 31.02 19.68 -0.31
O25 OLC C . 34.68 20.79 -5.46
O23 OLC C . 33.01 18.64 -4.51
O20 OLC C . 31.23 19.29 -2.50
#